data_8D8Y
#
_entry.id   8D8Y
#
_cell.length_a   45.632
_cell.length_b   81.786
_cell.length_c   81.258
_cell.angle_alpha   90.000
_cell.angle_beta   99.830
_cell.angle_gamma   90.000
#
_symmetry.space_group_name_H-M   'P 1 21 1'
#
loop_
_entity.id
_entity.type
_entity.pdbx_description
1 polymer ChoE
2 non-polymer ACETYLTHIOCHOLINE
3 non-polymer GLYCEROL
4 non-polymer 'CHLORIDE ION'
5 non-polymer '2-(TRIMETHYLAMMONIUM)ETHYL THIOL'
6 water water
#
_entity_poly.entity_id   1
_entity_poly.type   'polypeptide(L)'
_entity_poly.pdbx_seq_one_letter_code
;HTSPLLAPVRQIHAFGDSYSDNGESQRLTREMLAKGIAGAQALPGEVYWQGRWSNGPTAVEVLARQLGAQLADHAVGGAK
SGADNYYGWMSAYRHTGLAGQVDAYLATLDGKPVDGQALHFIFVSAADFFEHEDFAGEQPLEQLAGSSVANIRAAVQRLG
EAGARRFLVVSSTDLSVVPAVVAGNRVERAQRYLQAVNASLPIQLAALRKTRGLELSWFDHLTFSRHLRRNPARYGLVEL
DAPCQPTQPSVRPACANPDQYYFWDEWHPTRRVHQLAGEAMAARYAR
;
_entity_poly.pdbx_strand_id   A,B
#
loop_
_chem_comp.id
_chem_comp.type
_chem_comp.name
_chem_comp.formula
AT3 non-polymer ACETYLTHIOCHOLINE 'C7 H16 N O S 1'
CL non-polymer 'CHLORIDE ION' 'Cl -1'
ETM non-polymer '2-(TRIMETHYLAMMONIUM)ETHYL THIOL' 'C5 H14 N S 1'
GOL non-polymer GLYCEROL 'C3 H8 O3'
#
# COMPACT_ATOMS: atom_id res chain seq x y z
N HIS A 1 -14.64 -9.21 -23.33
CA HIS A 1 -15.03 -8.45 -22.10
C HIS A 1 -13.80 -8.25 -21.21
N THR A 2 -13.60 -7.03 -20.68
CA THR A 2 -12.46 -6.70 -19.78
C THR A 2 -12.67 -7.42 -18.45
N SER A 3 -11.57 -7.72 -17.74
CA SER A 3 -11.60 -8.35 -16.40
C SER A 3 -11.50 -7.25 -15.34
N PRO A 4 -11.68 -7.59 -14.04
CA PRO A 4 -11.62 -6.59 -12.98
C PRO A 4 -10.25 -5.89 -12.96
N LEU A 5 -10.26 -4.61 -12.67
CA LEU A 5 -9.00 -3.85 -12.52
C LEU A 5 -8.22 -4.48 -11.36
N LEU A 6 -6.90 -4.37 -11.45
CA LEU A 6 -6.03 -4.80 -10.34
C LEU A 6 -6.11 -3.82 -9.19
N ALA A 7 -5.67 -4.28 -8.00
CA ALA A 7 -5.67 -3.42 -6.80
C ALA A 7 -4.77 -2.21 -6.97
N PRO A 8 -5.05 -1.13 -6.22
CA PRO A 8 -4.26 0.09 -6.30
C PRO A 8 -2.79 -0.16 -5.94
N VAL A 9 -1.99 0.81 -6.36
CA VAL A 9 -0.52 0.79 -6.20
C VAL A 9 -0.08 2.06 -5.51
N ARG A 10 0.70 1.91 -4.44
CA ARG A 10 1.20 3.06 -3.66
C ARG A 10 2.71 3.19 -3.73
N GLN A 11 3.39 2.16 -4.18
CA GLN A 11 4.86 2.19 -4.33
C GLN A 11 5.27 1.37 -5.57
N ILE A 12 6.08 1.98 -6.42
CA ILE A 12 6.69 1.27 -7.57
C ILE A 12 8.19 1.19 -7.32
N HIS A 13 8.74 0.02 -7.58
CA HIS A 13 10.21 -0.18 -7.79
C HIS A 13 10.41 -0.47 -9.27
N ALA A 14 11.10 0.40 -9.98
CA ALA A 14 11.26 0.27 -11.44
C ALA A 14 12.67 -0.20 -11.73
N PHE A 15 12.76 -1.13 -12.68
CA PHE A 15 14.01 -1.72 -13.16
C PHE A 15 14.01 -1.65 -14.66
N GLY A 16 15.09 -1.21 -15.26
CA GLY A 16 15.08 -1.09 -16.71
C GLY A 16 16.20 -0.22 -17.25
N ASP A 17 15.90 0.35 -18.39
CA ASP A 17 16.91 0.96 -19.27
C ASP A 17 16.57 2.44 -19.50
N SER A 18 17.01 2.98 -20.61
CA SER A 18 16.83 4.41 -20.95
C SER A 18 15.36 4.75 -21.18
N TYR A 19 14.48 3.74 -21.35
CA TYR A 19 13.04 4.02 -21.54
C TYR A 19 12.37 4.29 -20.19
N SER A 20 13.09 4.11 -19.08
CA SER A 20 12.57 4.30 -17.69
C SER A 20 13.44 5.24 -16.82
N ASP A 21 14.73 5.25 -17.03
CA ASP A 21 15.72 5.98 -16.18
C ASP A 21 15.19 7.40 -15.90
N ASN A 22 15.22 7.80 -14.64
CA ASN A 22 14.81 9.17 -14.27
C ASN A 22 15.95 9.92 -13.57
N GLY A 23 17.17 9.48 -13.78
CA GLY A 23 18.35 10.22 -13.31
C GLY A 23 19.53 9.34 -12.94
N GLU A 24 19.38 8.00 -12.89
CA GLU A 24 20.48 7.14 -12.42
C GLU A 24 21.67 7.18 -13.36
N SER A 25 21.53 7.11 -14.68
CA SER A 25 22.71 7.12 -15.57
C SER A 25 23.47 8.45 -15.34
N GLN A 26 22.73 9.51 -15.12
CA GLN A 26 23.38 10.84 -14.93
C GLN A 26 24.17 10.82 -13.63
N ARG A 27 23.53 10.33 -12.57
CA ARG A 27 24.23 10.29 -11.24
C ARG A 27 25.45 9.39 -11.35
N LEU A 28 25.32 8.19 -11.94
CA LEU A 28 26.37 7.18 -11.96
C LEU A 28 27.49 7.65 -12.85
N THR A 29 27.21 8.27 -13.98
CA THR A 29 28.29 8.68 -14.89
C THR A 29 29.04 9.88 -14.28
N ARG A 30 28.36 10.73 -13.53
CA ARG A 30 29.10 11.84 -12.83
C ARG A 30 30.05 11.22 -11.81
N GLU A 31 29.63 10.19 -11.10
CA GLU A 31 30.46 9.47 -10.13
C GLU A 31 31.65 8.83 -10.83
N MET A 32 31.42 8.17 -11.96
CA MET A 32 32.48 7.50 -12.73
C MET A 32 33.48 8.54 -13.24
N LEU A 33 32.97 9.68 -13.76
CA LEU A 33 33.88 10.73 -14.29
C LEU A 33 34.75 11.27 -13.14
N ALA A 34 34.17 11.50 -11.99
CA ALA A 34 34.90 12.00 -10.78
C ALA A 34 36.00 11.01 -10.44
N LYS A 35 35.74 9.71 -10.56
CA LYS A 35 36.72 8.68 -10.16
C LYS A 35 37.76 8.47 -11.27
N GLY A 36 37.56 9.01 -12.46
CA GLY A 36 38.47 8.79 -13.60
C GLY A 36 38.34 7.44 -14.25
N ILE A 37 37.16 6.83 -14.19
CA ILE A 37 36.93 5.51 -14.83
C ILE A 37 37.24 5.62 -16.32
N ALA A 38 38.10 4.73 -16.85
CA ALA A 38 38.49 4.78 -18.27
C ALA A 38 37.25 4.68 -19.16
N GLY A 39 37.13 5.59 -20.13
CA GLY A 39 36.10 5.57 -21.17
C GLY A 39 34.79 6.19 -20.74
N ALA A 40 34.67 6.64 -19.50
CA ALA A 40 33.42 7.28 -19.02
C ALA A 40 33.06 8.51 -19.82
N GLN A 41 31.77 8.71 -20.01
CA GLN A 41 31.15 9.85 -20.70
C GLN A 41 30.01 10.31 -19.82
N ALA A 42 29.66 11.60 -19.87
CA ALA A 42 28.47 12.12 -19.21
C ALA A 42 27.27 11.64 -20.01
N LEU A 43 26.36 10.93 -19.34
CA LEU A 43 25.11 10.48 -19.97
C LEU A 43 23.97 11.05 -19.17
N PRO A 44 22.79 11.32 -19.77
CA PRO A 44 22.60 11.15 -21.22
C PRO A 44 23.26 12.21 -22.09
N GLY A 45 23.50 13.38 -21.52
CA GLY A 45 24.12 14.48 -22.29
C GLY A 45 23.30 15.74 -22.19
N GLU A 46 23.63 16.73 -23.00
CA GLU A 46 23.14 18.10 -22.77
C GLU A 46 21.73 18.30 -23.36
N VAL A 47 21.39 17.59 -24.44
CA VAL A 47 20.10 17.84 -25.13
C VAL A 47 19.00 16.95 -24.57
N TYR A 48 19.03 16.73 -23.27
CA TYR A 48 18.05 15.86 -22.56
C TYR A 48 17.52 16.58 -21.34
N TRP A 49 16.33 16.25 -20.93
CA TRP A 49 15.60 16.89 -19.81
C TRP A 49 15.98 16.24 -18.48
N GLN A 50 16.71 16.95 -17.62
CA GLN A 50 16.93 16.57 -16.21
C GLN A 50 17.36 15.10 -16.11
N GLY A 51 18.31 14.65 -16.93
CA GLY A 51 18.92 13.32 -16.85
C GLY A 51 18.02 12.23 -17.43
N ARG A 52 16.82 12.54 -17.84
CA ARG A 52 16.02 11.53 -18.61
C ARG A 52 16.50 11.45 -20.04
N TRP A 53 16.42 10.27 -20.66
CA TRP A 53 16.86 10.11 -22.06
C TRP A 53 15.68 10.48 -22.97
N SER A 54 15.17 11.70 -22.82
CA SER A 54 13.97 12.23 -23.48
C SER A 54 13.87 13.72 -23.10
N ASN A 55 12.79 14.35 -23.52
CA ASN A 55 12.54 15.79 -23.25
C ASN A 55 11.58 15.95 -22.09
N GLY A 56 11.34 14.88 -21.32
CA GLY A 56 10.43 14.94 -20.20
C GLY A 56 10.35 13.56 -19.51
N PRO A 57 9.41 13.42 -18.56
CA PRO A 57 9.29 12.22 -17.72
C PRO A 57 9.12 10.94 -18.58
N THR A 58 9.71 9.87 -18.14
CA THR A 58 9.51 8.54 -18.75
C THR A 58 8.16 7.94 -18.38
N ALA A 59 7.79 6.92 -19.14
CA ALA A 59 6.49 6.24 -18.97
C ALA A 59 6.29 5.86 -17.52
N VAL A 60 7.27 5.28 -16.85
CA VAL A 60 7.03 4.78 -15.48
C VAL A 60 6.79 5.93 -14.52
N GLU A 61 7.38 7.09 -14.80
CA GLU A 61 7.11 8.30 -13.97
C GLU A 61 5.65 8.70 -14.14
N VAL A 62 5.13 8.65 -15.36
CA VAL A 62 3.72 9.03 -15.62
C VAL A 62 2.82 7.97 -15.00
N LEU A 63 3.18 6.70 -15.10
CA LEU A 63 2.41 5.58 -14.46
C LEU A 63 2.28 5.88 -12.96
N ALA A 64 3.39 6.19 -12.30
CA ALA A 64 3.35 6.42 -10.84
C ALA A 64 2.37 7.57 -10.54
N ARG A 65 2.46 8.67 -11.30
CA ARG A 65 1.56 9.84 -11.13
C ARG A 65 0.11 9.40 -11.30
N GLN A 66 -0.16 8.62 -12.32
CA GLN A 66 -1.53 8.17 -12.66
C GLN A 66 -2.09 7.34 -11.52
N LEU A 67 -1.26 6.50 -10.91
CA LEU A 67 -1.75 5.51 -9.93
C LEU A 67 -1.71 6.08 -8.52
N GLY A 68 -1.10 7.23 -8.28
CA GLY A 68 -0.96 7.78 -6.92
C GLY A 68 0.07 6.98 -6.16
N ALA A 69 1.17 6.65 -6.82
CA ALA A 69 2.28 5.86 -6.25
C ALA A 69 3.57 6.67 -6.17
N GLN A 70 4.34 6.40 -5.13
CA GLN A 70 5.74 6.81 -4.99
C GLN A 70 6.57 5.95 -5.94
N LEU A 71 7.63 6.52 -6.51
CA LEU A 71 8.50 5.76 -7.44
C LEU A 71 9.95 5.73 -6.95
N ALA A 72 10.52 4.54 -6.82
CA ALA A 72 11.96 4.29 -6.70
C ALA A 72 12.41 3.75 -8.05
N ASP A 73 13.10 4.56 -8.81
CA ASP A 73 13.43 4.20 -10.21
C ASP A 73 14.88 3.79 -10.28
N HIS A 74 15.15 2.51 -10.35
CA HIS A 74 16.50 1.91 -10.36
C HIS A 74 17.07 1.84 -11.77
N ALA A 75 16.23 2.09 -12.78
CA ALA A 75 16.62 1.96 -14.20
C ALA A 75 17.82 2.81 -14.56
N VAL A 76 18.68 2.27 -15.40
CA VAL A 76 19.90 2.94 -15.88
C VAL A 76 19.92 2.89 -17.41
N GLY A 77 20.06 4.04 -18.05
CA GLY A 77 20.23 4.07 -19.49
C GLY A 77 21.34 3.13 -19.92
N GLY A 78 21.09 2.35 -20.98
CA GLY A 78 22.01 1.34 -21.52
C GLY A 78 21.84 -0.04 -20.90
N ALA A 79 21.03 -0.20 -19.84
CA ALA A 79 20.94 -1.46 -19.08
C ALA A 79 20.54 -2.60 -19.99
N LYS A 80 21.35 -3.67 -19.98
CA LYS A 80 20.92 -4.94 -20.64
CA LYS A 80 20.90 -4.92 -20.64
C LYS A 80 20.06 -5.78 -19.69
N SER A 81 19.52 -6.88 -20.21
CA SER A 81 18.68 -7.76 -19.38
C SER A 81 19.49 -8.53 -18.36
N GLY A 82 20.76 -8.71 -18.62
CA GLY A 82 21.69 -9.41 -17.71
C GLY A 82 22.36 -8.46 -16.74
N ALA A 83 23.63 -8.68 -16.47
CA ALA A 83 24.34 -7.93 -15.40
C ALA A 83 24.84 -6.55 -15.85
N ASP A 84 25.13 -6.35 -17.11
CA ASP A 84 25.93 -5.20 -17.59
C ASP A 84 25.14 -4.31 -18.54
N ASN A 85 25.87 -3.34 -19.08
CA ASN A 85 25.32 -2.21 -19.85
C ASN A 85 25.86 -2.20 -21.27
N TYR A 86 25.08 -1.63 -22.17
CA TYR A 86 25.56 -1.22 -23.52
C TYR A 86 26.96 -0.60 -23.41
N TYR A 87 27.11 0.30 -22.46
CA TYR A 87 28.39 1.00 -22.13
C TYR A 87 29.26 0.06 -21.33
N GLY A 88 30.20 -0.59 -22.01
CA GLY A 88 30.98 -1.68 -21.43
C GLY A 88 31.87 -1.17 -20.34
N TRP A 89 32.29 0.08 -20.53
CA TRP A 89 33.18 0.77 -19.54
C TRP A 89 32.56 0.93 -18.16
N MET A 90 31.23 0.85 -17.99
CA MET A 90 30.60 0.97 -16.66
C MET A 90 30.91 -0.24 -15.76
N SER A 91 31.13 -1.43 -16.29
CA SER A 91 31.23 -2.70 -15.53
C SER A 91 32.35 -2.61 -14.48
N ALA A 92 33.38 -1.79 -14.73
CA ALA A 92 34.53 -1.62 -13.80
C ALA A 92 34.08 -0.98 -12.49
N TYR A 93 33.02 -0.16 -12.53
CA TYR A 93 32.48 0.55 -11.36
C TYR A 93 31.25 -0.19 -10.83
N ARG A 94 30.28 -0.56 -11.70
N ARG A 94 30.35 -0.62 -11.72
CA ARG A 94 28.95 -1.01 -11.23
CA ARG A 94 29.06 -1.15 -11.25
C ARG A 94 28.34 -1.92 -12.31
C ARG A 94 28.39 -1.97 -12.34
N HIS A 95 27.66 -2.99 -11.90
CA HIS A 95 26.84 -3.84 -12.81
C HIS A 95 25.47 -3.19 -12.86
N THR A 96 25.12 -2.56 -13.97
CA THR A 96 23.93 -1.71 -14.09
C THR A 96 22.84 -2.34 -14.95
N GLY A 97 23.08 -3.55 -15.43
CA GLY A 97 22.02 -4.30 -16.12
C GLY A 97 20.89 -4.64 -15.17
N LEU A 98 19.76 -5.18 -15.70
CA LEU A 98 18.63 -5.58 -14.84
C LEU A 98 19.11 -6.47 -13.68
N ALA A 99 19.96 -7.47 -13.93
CA ALA A 99 20.40 -8.38 -12.88
C ALA A 99 21.14 -7.59 -11.78
N GLY A 100 21.93 -6.62 -12.20
CA GLY A 100 22.69 -5.79 -11.23
C GLY A 100 21.80 -4.85 -10.45
N GLN A 101 20.75 -4.34 -11.11
CA GLN A 101 19.76 -3.49 -10.40
C GLN A 101 19.00 -4.31 -9.37
N VAL A 102 18.67 -5.55 -9.70
CA VAL A 102 17.96 -6.44 -8.74
C VAL A 102 18.88 -6.75 -7.56
N ASP A 103 20.13 -7.07 -7.82
CA ASP A 103 21.10 -7.36 -6.73
C ASP A 103 21.20 -6.14 -5.83
N ALA A 104 21.32 -4.95 -6.39
CA ALA A 104 21.53 -3.74 -5.57
C ALA A 104 20.29 -3.43 -4.75
N TYR A 105 19.10 -3.59 -5.33
CA TYR A 105 17.84 -3.41 -4.61
C TYR A 105 17.75 -4.39 -3.43
N LEU A 106 18.06 -5.66 -3.64
CA LEU A 106 17.93 -6.67 -2.55
C LEU A 106 19.02 -6.43 -1.49
N ALA A 107 20.17 -5.92 -1.89
CA ALA A 107 21.30 -5.69 -0.94
C ALA A 107 21.10 -4.44 -0.10
N THR A 108 20.23 -3.52 -0.50
CA THR A 108 20.00 -2.23 0.20
C THR A 108 18.70 -2.20 0.98
N LEU A 109 18.09 -3.35 1.24
CA LEU A 109 16.84 -3.37 2.04
C LEU A 109 17.09 -2.99 3.51
N ASP A 110 18.32 -3.11 4.01
CA ASP A 110 18.67 -2.60 5.37
C ASP A 110 17.75 -3.27 6.40
N GLY A 111 17.79 -4.60 6.46
CA GLY A 111 17.03 -5.45 7.40
C GLY A 111 15.52 -5.29 7.29
N LYS A 112 14.99 -4.74 6.19
CA LYS A 112 13.53 -4.66 6.00
C LYS A 112 13.08 -5.73 4.99
N PRO A 113 11.88 -6.29 5.16
CA PRO A 113 11.34 -7.16 4.12
C PRO A 113 11.08 -6.38 2.82
N VAL A 114 11.03 -7.13 1.72
CA VAL A 114 10.48 -6.56 0.46
C VAL A 114 9.04 -6.18 0.74
N ASP A 115 8.59 -5.05 0.20
CA ASP A 115 7.18 -4.64 0.34
C ASP A 115 6.35 -5.48 -0.62
N GLY A 116 5.55 -6.42 -0.09
CA GLY A 116 4.70 -7.28 -0.91
C GLY A 116 3.54 -6.58 -1.61
N GLN A 117 3.27 -5.33 -1.26
CA GLN A 117 2.27 -4.48 -1.93
C GLN A 117 2.90 -3.64 -3.05
N ALA A 118 4.20 -3.51 -3.07
CA ALA A 118 4.86 -2.65 -4.08
C ALA A 118 4.81 -3.31 -5.46
N LEU A 119 4.63 -2.49 -6.49
CA LEU A 119 4.64 -2.96 -7.89
C LEU A 119 6.10 -2.97 -8.34
N HIS A 120 6.57 -4.12 -8.77
CA HIS A 120 7.93 -4.27 -9.35
C HIS A 120 7.81 -4.21 -10.86
N PHE A 121 8.26 -3.10 -11.43
CA PHE A 121 8.08 -2.72 -12.83
C PHE A 121 9.36 -3.07 -13.55
N ILE A 122 9.30 -3.85 -14.61
CA ILE A 122 10.50 -4.28 -15.38
C ILE A 122 10.31 -3.93 -16.85
N PHE A 123 11.23 -3.16 -17.41
CA PHE A 123 11.18 -2.70 -18.81
C PHE A 123 12.57 -2.71 -19.38
N VAL A 124 12.96 -3.79 -20.03
CA VAL A 124 14.34 -3.97 -20.53
C VAL A 124 14.32 -4.86 -21.74
N SER A 125 15.37 -4.75 -22.53
CA SER A 125 15.79 -5.65 -23.62
C SER A 125 16.28 -4.85 -24.81
N ALA A 126 15.86 -3.62 -25.04
CA ALA A 126 16.35 -2.89 -26.23
C ALA A 126 17.87 -2.84 -26.25
N ALA A 127 18.52 -2.61 -25.12
CA ALA A 127 20.00 -2.47 -25.17
C ALA A 127 20.68 -3.78 -25.55
N ASP A 128 20.06 -4.93 -25.26
CA ASP A 128 20.61 -6.22 -25.72
C ASP A 128 20.74 -6.19 -27.24
N PHE A 129 19.70 -5.73 -27.92
CA PHE A 129 19.66 -5.63 -29.38
C PHE A 129 20.63 -4.56 -29.88
N PHE A 130 20.62 -3.36 -29.31
CA PHE A 130 21.46 -2.26 -29.82
C PHE A 130 22.93 -2.69 -29.64
N GLU A 131 23.25 -3.31 -28.52
CA GLU A 131 24.68 -3.75 -28.29
C GLU A 131 25.05 -4.80 -29.34
N HIS A 132 24.18 -5.76 -29.59
CA HIS A 132 24.45 -6.85 -30.55
C HIS A 132 24.68 -6.26 -31.95
N GLU A 133 23.86 -5.30 -32.36
CA GLU A 133 23.96 -4.70 -33.71
C GLU A 133 25.15 -3.76 -33.80
N ASP A 134 25.42 -2.96 -32.77
CA ASP A 134 26.44 -1.89 -32.91
C ASP A 134 27.82 -2.51 -32.85
N PHE A 135 28.01 -3.59 -32.09
CA PHE A 135 29.35 -4.19 -31.81
C PHE A 135 29.46 -5.59 -32.39
N ALA A 136 28.63 -5.95 -33.38
CA ALA A 136 28.71 -7.22 -34.16
C ALA A 136 28.72 -8.44 -33.24
N GLY A 137 27.71 -8.61 -32.40
CA GLY A 137 27.53 -9.82 -31.60
C GLY A 137 27.36 -10.99 -32.57
N GLU A 138 27.82 -12.19 -32.19
CA GLU A 138 27.83 -13.35 -33.11
C GLU A 138 26.60 -14.23 -32.89
N GLN A 139 26.03 -14.23 -31.69
CA GLN A 139 24.77 -14.94 -31.34
C GLN A 139 23.79 -14.68 -32.49
N PRO A 140 23.14 -15.70 -33.08
CA PRO A 140 21.98 -15.48 -33.92
C PRO A 140 20.96 -14.67 -33.10
N LEU A 141 20.13 -13.87 -33.77
CA LEU A 141 19.09 -13.07 -33.05
C LEU A 141 18.13 -13.93 -32.25
N GLU A 142 17.79 -15.13 -32.73
CA GLU A 142 16.86 -16.02 -32.01
C GLU A 142 17.49 -16.41 -30.66
N GLN A 143 18.79 -16.64 -30.62
CA GLN A 143 19.49 -17.00 -29.36
C GLN A 143 19.58 -15.75 -28.46
N LEU A 144 19.80 -14.57 -29.06
CA LEU A 144 19.87 -13.31 -28.27
C LEU A 144 18.50 -13.11 -27.63
N ALA A 145 17.41 -13.29 -28.37
CA ALA A 145 16.07 -13.13 -27.80
C ALA A 145 15.85 -14.13 -26.68
N GLY A 146 16.28 -15.39 -26.88
CA GLY A 146 16.10 -16.38 -25.80
C GLY A 146 16.85 -16.00 -24.53
N SER A 147 18.02 -15.38 -24.68
CA SER A 147 18.82 -14.94 -23.52
C SER A 147 18.08 -13.76 -22.84
N SER A 148 17.57 -12.81 -23.62
CA SER A 148 16.81 -11.68 -23.06
C SER A 148 15.65 -12.24 -22.23
N VAL A 149 14.87 -13.15 -22.81
CA VAL A 149 13.69 -13.73 -22.12
C VAL A 149 14.13 -14.42 -20.81
N ALA A 150 15.15 -15.28 -20.90
CA ALA A 150 15.66 -16.00 -19.73
C ALA A 150 16.10 -15.01 -18.66
N ASN A 151 16.75 -13.93 -19.06
CA ASN A 151 17.27 -12.95 -18.08
C ASN A 151 16.12 -12.24 -17.37
N ILE A 152 15.07 -11.89 -18.10
CA ILE A 152 13.92 -11.18 -17.48
C ILE A 152 13.20 -12.17 -16.56
N ARG A 153 12.97 -13.41 -17.04
CA ARG A 153 12.29 -14.40 -16.17
C ARG A 153 13.10 -14.59 -14.88
N ALA A 154 14.42 -14.70 -15.00
CA ALA A 154 15.31 -14.90 -13.82
C ALA A 154 15.17 -13.70 -12.87
N ALA A 155 15.07 -12.47 -13.38
CA ALA A 155 14.85 -11.29 -12.53
C ALA A 155 13.55 -11.36 -11.76
N VAL A 156 12.44 -11.73 -12.42
CA VAL A 156 11.15 -11.84 -11.73
C VAL A 156 11.28 -12.94 -10.67
N GLN A 157 11.89 -14.06 -11.03
CA GLN A 157 12.01 -15.20 -10.09
C GLN A 157 12.80 -14.72 -8.86
N ARG A 158 13.90 -14.02 -9.06
CA ARG A 158 14.78 -13.61 -7.91
C ARG A 158 14.09 -12.56 -7.05
N LEU A 159 13.38 -11.61 -7.62
CA LEU A 159 12.58 -10.64 -6.87
C LEU A 159 11.47 -11.39 -6.12
N GLY A 160 10.77 -12.34 -6.76
CA GLY A 160 9.75 -13.09 -6.05
C GLY A 160 10.33 -13.91 -4.91
N GLU A 161 11.46 -14.54 -5.14
CA GLU A 161 12.19 -15.33 -4.11
C GLU A 161 12.38 -14.48 -2.84
N ALA A 162 12.70 -13.20 -3.01
CA ALA A 162 12.99 -12.28 -1.89
C ALA A 162 11.73 -11.77 -1.23
N GLY A 163 10.55 -11.94 -1.85
CA GLY A 163 9.27 -11.48 -1.28
C GLY A 163 8.40 -10.63 -2.18
N ALA A 164 8.87 -10.24 -3.37
CA ALA A 164 8.01 -9.45 -4.26
C ALA A 164 6.80 -10.28 -4.68
N ARG A 165 5.63 -9.66 -4.79
CA ARG A 165 4.43 -10.40 -5.20
C ARG A 165 3.78 -9.75 -6.42
N ARG A 166 4.04 -8.48 -6.69
CA ARG A 166 3.33 -7.75 -7.75
C ARG A 166 4.34 -7.27 -8.79
N PHE A 167 4.00 -7.51 -10.05
CA PHE A 167 4.89 -7.14 -11.18
C PHE A 167 4.10 -6.52 -12.30
N LEU A 168 4.78 -5.64 -13.04
CA LEU A 168 4.31 -5.20 -14.37
C LEU A 168 5.54 -5.35 -15.27
N VAL A 169 5.46 -6.23 -16.25
CA VAL A 169 6.58 -6.40 -17.20
C VAL A 169 6.18 -5.86 -18.55
N VAL A 170 7.03 -4.99 -19.08
CA VAL A 170 6.79 -4.39 -20.41
C VAL A 170 7.44 -5.25 -21.49
N SER A 171 6.71 -5.40 -22.61
CA SER A 171 7.23 -6.13 -23.76
C SER A 171 8.42 -5.40 -24.37
N SER A 172 9.06 -6.02 -25.35
CA SER A 172 9.89 -5.24 -26.27
C SER A 172 9.06 -4.13 -26.85
N THR A 173 9.66 -2.94 -27.02
CA THR A 173 9.11 -1.89 -27.88
C THR A 173 9.31 -2.22 -29.36
N ASP A 174 8.70 -1.44 -30.21
CA ASP A 174 8.86 -1.64 -31.66
C ASP A 174 10.21 -1.09 -32.10
N LEU A 175 11.23 -1.88 -31.88
CA LEU A 175 12.59 -1.51 -32.29
C LEU A 175 12.64 -1.26 -33.79
N SER A 176 11.75 -1.87 -34.57
CA SER A 176 11.80 -1.82 -36.05
C SER A 176 11.55 -0.43 -36.61
N VAL A 177 10.97 0.51 -35.82
CA VAL A 177 10.69 1.90 -36.26
C VAL A 177 11.60 2.92 -35.58
N VAL A 178 12.55 2.46 -34.77
CA VAL A 178 13.52 3.36 -34.10
C VAL A 178 14.33 4.03 -35.20
N PRO A 179 14.49 5.36 -35.21
CA PRO A 179 15.22 5.99 -36.32
C PRO A 179 16.62 5.41 -36.53
N ALA A 180 17.38 5.11 -35.48
CA ALA A 180 18.73 4.53 -35.62
C ALA A 180 18.69 3.17 -36.28
N VAL A 181 17.61 2.39 -36.07
CA VAL A 181 17.51 1.07 -36.73
C VAL A 181 17.21 1.23 -38.21
N VAL A 182 16.32 2.14 -38.54
CA VAL A 182 15.96 2.51 -39.93
C VAL A 182 17.24 2.97 -40.63
N ALA A 183 17.99 3.89 -40.03
CA ALA A 183 19.23 4.42 -40.62
C ALA A 183 20.30 3.33 -40.76
N GLY A 184 20.29 2.32 -39.89
CA GLY A 184 21.23 1.19 -39.97
C GLY A 184 20.79 0.09 -40.94
N ASN A 185 19.66 0.28 -41.61
CA ASN A 185 19.05 -0.70 -42.51
C ASN A 185 18.87 -2.03 -41.77
N ARG A 186 18.36 -1.97 -40.54
CA ARG A 186 18.23 -3.15 -39.67
C ARG A 186 16.76 -3.37 -39.25
N VAL A 187 15.82 -2.91 -40.06
CA VAL A 187 14.37 -3.10 -39.77
C VAL A 187 14.00 -4.58 -39.62
N GLU A 188 14.43 -5.46 -40.52
CA GLU A 188 14.01 -6.88 -40.51
C GLU A 188 14.66 -7.56 -39.30
N ARG A 189 15.89 -7.19 -38.94
CA ARG A 189 16.56 -7.80 -37.78
C ARG A 189 15.79 -7.44 -36.50
N ALA A 190 15.39 -6.19 -36.41
CA ALA A 190 14.63 -5.69 -35.24
C ALA A 190 13.29 -6.40 -35.15
N GLN A 191 12.61 -6.56 -36.28
CA GLN A 191 11.31 -7.23 -36.33
C GLN A 191 11.49 -8.65 -35.82
N ARG A 192 12.50 -9.35 -36.29
CA ARG A 192 12.70 -10.77 -35.89
C ARG A 192 13.02 -10.88 -34.39
N TYR A 193 13.89 -10.01 -33.87
CA TYR A 193 14.26 -10.02 -32.45
C TYR A 193 13.02 -9.74 -31.59
N LEU A 194 12.31 -8.65 -31.87
CA LEU A 194 11.22 -8.21 -30.97
C LEU A 194 10.07 -9.23 -31.05
N GLN A 195 9.88 -9.87 -32.19
CA GLN A 195 8.79 -10.88 -32.29
C GLN A 195 9.14 -12.11 -31.47
N ALA A 196 10.42 -12.49 -31.45
CA ALA A 196 10.86 -13.64 -30.67
C ALA A 196 10.72 -13.35 -29.18
N VAL A 197 11.14 -12.16 -28.72
CA VAL A 197 10.99 -11.82 -27.30
C VAL A 197 9.51 -11.79 -26.95
N ASN A 198 8.70 -11.14 -27.75
CA ASN A 198 7.29 -10.87 -27.37
C ASN A 198 6.41 -12.13 -27.46
N ALA A 199 6.83 -13.11 -28.25
CA ALA A 199 6.04 -14.39 -28.29
C ALA A 199 6.39 -15.22 -27.05
N SER A 200 7.63 -15.28 -26.67
CA SER A 200 8.16 -16.21 -25.63
C SER A 200 7.99 -15.65 -24.22
N LEU A 201 8.26 -14.34 -24.02
CA LEU A 201 8.32 -13.81 -22.65
C LEU A 201 7.00 -13.93 -21.92
N PRO A 202 5.82 -13.63 -22.50
CA PRO A 202 4.59 -13.69 -21.74
C PRO A 202 4.21 -15.14 -21.41
N ILE A 203 4.70 -16.08 -22.20
CA ILE A 203 4.49 -17.53 -21.90
C ILE A 203 5.27 -17.91 -20.67
N GLN A 204 6.53 -17.48 -20.62
CA GLN A 204 7.39 -17.79 -19.46
C GLN A 204 6.82 -17.07 -18.21
N LEU A 205 6.39 -15.82 -18.33
CA LEU A 205 5.90 -15.08 -17.14
C LEU A 205 4.58 -15.67 -16.64
N ALA A 206 3.73 -16.15 -17.54
CA ALA A 206 2.46 -16.76 -17.11
C ALA A 206 2.75 -18.00 -16.27
N ALA A 207 3.74 -18.80 -16.66
CA ALA A 207 4.07 -20.04 -15.91
C ALA A 207 4.58 -19.66 -14.52
N LEU A 208 5.42 -18.63 -14.47
CA LEU A 208 6.04 -18.20 -13.20
C LEU A 208 4.98 -17.57 -12.29
N ARG A 209 4.08 -16.77 -12.84
CA ARG A 209 2.97 -16.11 -12.13
C ARG A 209 2.18 -17.22 -11.41
N LYS A 210 1.88 -18.29 -12.13
CA LYS A 210 1.02 -19.37 -11.54
C LYS A 210 1.80 -20.09 -10.44
N THR A 211 3.03 -20.44 -10.70
CA THR A 211 3.84 -21.24 -9.78
C THR A 211 4.01 -20.47 -8.47
N ARG A 212 4.32 -19.19 -8.53
CA ARG A 212 4.72 -18.42 -7.32
C ARG A 212 3.57 -17.60 -6.76
N GLY A 213 2.37 -17.70 -7.32
CA GLY A 213 1.21 -16.94 -6.84
C GLY A 213 1.43 -15.44 -6.97
N LEU A 214 1.93 -15.01 -8.11
CA LEU A 214 2.20 -13.57 -8.29
C LEU A 214 1.05 -12.85 -8.97
N GLU A 215 0.96 -11.56 -8.77
CA GLU A 215 0.10 -10.68 -9.58
C GLU A 215 1.06 -10.15 -10.65
N LEU A 216 0.92 -10.59 -11.88
CA LEU A 216 1.92 -10.17 -12.89
C LEU A 216 1.20 -9.72 -14.14
N SER A 217 1.30 -8.46 -14.45
CA SER A 217 0.65 -7.84 -15.62
CA SER A 217 0.64 -7.89 -15.64
C SER A 217 1.68 -7.67 -16.74
N TRP A 218 1.26 -7.90 -17.95
CA TRP A 218 2.08 -7.83 -19.16
C TRP A 218 1.59 -6.62 -19.92
N PHE A 219 2.48 -5.68 -20.29
CA PHE A 219 2.09 -4.51 -21.08
C PHE A 219 2.70 -4.69 -22.48
N ASP A 220 1.83 -4.79 -23.48
CA ASP A 220 2.28 -5.00 -24.88
C ASP A 220 2.51 -3.63 -25.53
N HIS A 221 3.74 -3.17 -25.42
CA HIS A 221 4.15 -1.83 -25.92
C HIS A 221 4.03 -1.82 -27.45
N LEU A 222 4.23 -2.97 -28.10
CA LEU A 222 4.13 -3.04 -29.58
C LEU A 222 2.69 -2.77 -29.98
N THR A 223 1.69 -3.42 -29.37
CA THR A 223 0.27 -3.12 -29.70
C THR A 223 0.00 -1.62 -29.48
N PHE A 224 0.45 -1.09 -28.35
CA PHE A 224 0.31 0.33 -27.97
C PHE A 224 0.88 1.26 -29.07
N SER A 225 2.11 1.00 -29.52
CA SER A 225 2.76 1.91 -30.50
C SER A 225 2.11 1.73 -31.87
N ARG A 226 1.70 0.51 -32.21
CA ARG A 226 1.05 0.30 -33.53
C ARG A 226 -0.22 1.15 -33.58
N HIS A 227 -0.98 1.19 -32.50
CA HIS A 227 -2.26 1.93 -32.48
C HIS A 227 -1.99 3.43 -32.60
N LEU A 228 -0.98 3.95 -31.90
CA LEU A 228 -0.60 5.39 -31.94
CA LEU A 228 -0.60 5.39 -31.94
C LEU A 228 -0.20 5.75 -33.37
N ARG A 229 0.65 4.91 -33.96
CA ARG A 229 1.31 5.26 -35.24
C ARG A 229 0.34 5.05 -36.42
N ARG A 230 -0.72 4.28 -36.22
CA ARG A 230 -1.74 4.09 -37.29
C ARG A 230 -2.75 5.24 -37.25
N ASN A 231 -2.96 5.89 -36.10
CA ASN A 231 -3.97 6.94 -35.86
C ASN A 231 -3.31 8.16 -35.20
N PRO A 232 -2.21 8.74 -35.74
CA PRO A 232 -1.43 9.75 -34.99
C PRO A 232 -2.27 10.99 -34.70
N ALA A 233 -3.15 11.42 -35.63
CA ALA A 233 -3.83 12.73 -35.45
C ALA A 233 -4.74 12.68 -34.21
N ARG A 234 -5.37 11.54 -33.96
CA ARG A 234 -6.18 11.29 -32.75
C ARG A 234 -5.41 11.69 -31.48
N TYR A 235 -4.08 11.54 -31.49
CA TYR A 235 -3.20 11.78 -30.32
C TYR A 235 -2.43 13.09 -30.46
N GLY A 236 -2.65 13.82 -31.55
CA GLY A 236 -1.97 15.09 -31.82
C GLY A 236 -0.55 14.90 -32.32
N LEU A 237 -0.20 13.71 -32.78
CA LEU A 237 1.15 13.47 -33.34
C LEU A 237 1.13 13.79 -34.83
N VAL A 238 2.22 14.36 -35.30
CA VAL A 238 2.38 14.70 -36.75
C VAL A 238 3.58 13.94 -37.32
N GLU A 239 4.72 13.94 -36.65
CA GLU A 239 5.95 13.40 -37.25
C GLU A 239 6.32 12.11 -36.50
N LEU A 240 6.27 10.99 -37.21
CA LEU A 240 6.49 9.67 -36.59
C LEU A 240 7.91 9.16 -36.74
N ASP A 241 8.70 9.74 -37.63
CA ASP A 241 9.99 9.14 -38.03
C ASP A 241 11.21 10.02 -37.73
N ALA A 242 11.10 11.33 -37.93
CA ALA A 242 12.25 12.22 -37.75
C ALA A 242 12.42 12.50 -36.28
N PRO A 243 13.63 12.42 -35.74
CA PRO A 243 13.87 12.83 -34.37
C PRO A 243 13.65 14.34 -34.20
N CYS A 244 12.96 14.74 -33.13
CA CYS A 244 12.79 16.17 -32.80
C CYS A 244 14.17 16.79 -32.53
N GLN A 245 15.07 16.06 -31.88
CA GLN A 245 16.43 16.50 -31.45
C GLN A 245 17.46 15.58 -32.11
N PRO A 246 17.92 15.89 -33.33
CA PRO A 246 18.92 15.05 -34.00
C PRO A 246 20.22 15.07 -33.20
N THR A 247 20.88 13.93 -33.08
CA THR A 247 22.20 13.81 -32.41
C THR A 247 23.23 13.10 -33.30
N GLN A 248 22.83 12.48 -34.41
CA GLN A 248 23.73 11.71 -35.31
C GLN A 248 23.64 12.22 -36.75
N PRO A 249 24.78 12.35 -37.46
CA PRO A 249 26.12 12.26 -36.85
C PRO A 249 26.50 13.34 -35.83
N SER A 250 25.76 14.46 -35.81
CA SER A 250 26.03 15.52 -34.80
C SER A 250 24.73 16.14 -34.30
N VAL A 251 24.83 16.86 -33.20
CA VAL A 251 23.71 17.58 -32.57
C VAL A 251 23.30 18.76 -33.45
N ARG A 252 22.01 18.85 -33.72
CA ARG A 252 21.36 19.95 -34.48
C ARG A 252 20.22 20.52 -33.65
N PRO A 253 19.73 21.76 -33.97
CA PRO A 253 18.74 22.42 -33.11
C PRO A 253 17.44 21.60 -33.10
N ALA A 254 16.76 21.54 -31.95
CA ALA A 254 15.50 20.77 -31.77
C ALA A 254 14.36 21.41 -32.56
N CYS A 255 13.42 20.58 -32.97
CA CYS A 255 12.14 21.01 -33.57
C CYS A 255 11.31 21.87 -32.60
N ALA A 256 10.42 22.72 -33.14
CA ALA A 256 9.70 23.75 -32.38
C ALA A 256 8.46 23.17 -31.66
N ASN A 257 7.95 22.04 -32.12
CA ASN A 257 6.67 21.44 -31.70
C ASN A 257 6.88 20.01 -31.19
N PRO A 258 7.72 19.80 -30.16
CA PRO A 258 8.09 18.45 -29.70
C PRO A 258 6.94 17.55 -29.29
N ASP A 259 5.83 18.10 -28.85
CA ASP A 259 4.63 17.30 -28.49
C ASP A 259 3.92 16.70 -29.70
N GLN A 260 4.29 17.09 -30.91
CA GLN A 260 3.76 16.50 -32.16
C GLN A 260 4.74 15.46 -32.72
N TYR A 261 5.84 15.16 -32.02
CA TYR A 261 6.87 14.20 -32.49
C TYR A 261 6.79 12.92 -31.65
N TYR A 262 6.96 11.79 -32.33
CA TYR A 262 7.08 10.48 -31.69
C TYR A 262 8.45 10.36 -31.05
N PHE A 263 9.51 10.66 -31.81
CA PHE A 263 10.90 10.40 -31.35
C PHE A 263 11.57 11.69 -30.92
N TRP A 264 12.25 11.63 -29.80
CA TRP A 264 13.07 12.75 -29.29
C TRP A 264 14.44 12.71 -30.00
N ASP A 265 15.21 11.65 -29.82
CA ASP A 265 16.48 11.43 -30.53
C ASP A 265 16.34 10.18 -31.41
N GLU A 266 17.43 9.58 -31.84
CA GLU A 266 17.35 8.46 -32.81
C GLU A 266 16.95 7.14 -32.11
N TRP A 267 16.81 7.09 -30.81
CA TRP A 267 16.46 5.81 -30.11
C TRP A 267 15.28 5.99 -29.17
N HIS A 268 14.95 7.19 -28.71
CA HIS A 268 14.08 7.37 -27.54
C HIS A 268 12.84 8.18 -27.88
N PRO A 269 11.66 7.81 -27.37
CA PRO A 269 10.46 8.59 -27.61
C PRO A 269 10.47 9.91 -26.85
N THR A 270 9.60 10.79 -27.31
CA THR A 270 9.37 12.09 -26.66
C THR A 270 8.59 11.93 -25.39
N ARG A 271 8.55 13.01 -24.61
CA ARG A 271 7.71 13.04 -23.39
C ARG A 271 6.24 12.80 -23.74
N ARG A 272 5.79 13.18 -24.91
CA ARG A 272 4.37 12.98 -25.29
C ARG A 272 4.08 11.49 -25.38
N VAL A 273 4.95 10.76 -26.07
CA VAL A 273 4.78 9.30 -26.20
C VAL A 273 4.92 8.64 -24.84
N HIS A 274 5.89 9.03 -24.03
CA HIS A 274 6.05 8.48 -22.68
C HIS A 274 4.76 8.71 -21.87
N GLN A 275 4.14 9.86 -22.04
CA GLN A 275 2.87 10.18 -21.33
CA GLN A 275 2.87 10.19 -21.35
C GLN A 275 1.78 9.22 -21.79
N LEU A 276 1.60 9.04 -23.10
CA LEU A 276 0.53 8.12 -23.56
C LEU A 276 0.84 6.71 -23.08
N ALA A 277 2.13 6.30 -23.08
CA ALA A 277 2.52 4.94 -22.67
C ALA A 277 2.18 4.76 -21.20
N GLY A 278 2.59 5.72 -20.36
CA GLY A 278 2.31 5.62 -18.92
C GLY A 278 0.83 5.61 -18.60
N GLU A 279 0.02 6.36 -19.36
CA GLU A 279 -1.45 6.30 -19.18
C GLU A 279 -1.96 4.90 -19.57
N ALA A 280 -1.46 4.34 -20.66
CA ALA A 280 -1.87 3.00 -21.15
C ALA A 280 -1.47 1.95 -20.12
N MET A 281 -0.27 2.07 -19.55
CA MET A 281 0.15 1.10 -18.54
C MET A 281 -0.74 1.18 -17.29
N ALA A 282 -1.21 2.35 -16.95
CA ALA A 282 -2.02 2.57 -15.73
C ALA A 282 -3.41 1.96 -15.90
N ALA A 283 -3.82 1.61 -17.14
CA ALA A 283 -5.22 1.23 -17.43
C ALA A 283 -5.62 -0.10 -16.78
N ARG A 284 -4.68 -0.93 -16.35
CA ARG A 284 -5.00 -2.25 -15.75
CA ARG A 284 -4.98 -2.25 -15.76
C ARG A 284 -5.30 -2.10 -14.25
N TYR A 285 -5.01 -0.96 -13.64
CA TYR A 285 -5.01 -0.78 -12.17
C TYR A 285 -6.10 0.24 -11.76
N ALA A 286 -6.73 -0.02 -10.62
CA ALA A 286 -7.61 0.98 -9.97
C ALA A 286 -6.73 2.08 -9.40
N ARG A 287 -7.18 3.34 -9.38
CA ARG A 287 -6.44 4.44 -8.71
C ARG A 287 -6.55 4.29 -7.17
N HIS B 1 -5.71 -26.41 10.61
CA HIS B 1 -4.57 -25.85 9.80
C HIS B 1 -4.82 -24.36 9.48
N THR B 2 -3.82 -23.50 9.65
CA THR B 2 -3.96 -22.05 9.33
C THR B 2 -4.10 -21.88 7.81
N SER B 3 -4.70 -20.76 7.40
CA SER B 3 -4.80 -20.34 5.98
CA SER B 3 -4.85 -20.27 6.00
C SER B 3 -3.66 -19.37 5.67
N PRO B 4 -3.44 -19.03 4.39
CA PRO B 4 -2.39 -18.06 4.02
C PRO B 4 -2.61 -16.74 4.71
N LEU B 5 -1.51 -16.10 5.07
CA LEU B 5 -1.59 -14.74 5.63
C LEU B 5 -2.16 -13.79 4.57
N LEU B 6 -2.88 -12.81 5.06
CA LEU B 6 -3.41 -11.73 4.20
C LEU B 6 -2.24 -10.85 3.74
N ALA B 7 -2.50 -10.07 2.70
CA ALA B 7 -1.50 -9.17 2.10
C ALA B 7 -1.08 -8.10 3.10
N PRO B 8 0.13 -7.55 2.92
CA PRO B 8 0.62 -6.48 3.79
C PRO B 8 -0.27 -5.23 3.79
N VAL B 9 -0.10 -4.47 4.85
CA VAL B 9 -0.86 -3.25 5.17
C VAL B 9 0.12 -2.11 5.36
N ARG B 10 -0.08 -1.01 4.60
CA ARG B 10 0.76 0.20 4.72
C ARG B 10 -0.01 1.39 5.30
N GLN B 11 -1.32 1.35 5.32
CA GLN B 11 -2.15 2.44 5.87
C GLN B 11 -3.35 1.80 6.58
N ILE B 12 -3.59 2.26 7.79
CA ILE B 12 -4.80 1.93 8.57
C ILE B 12 -5.61 3.22 8.80
N HIS B 13 -6.90 3.10 8.58
CA HIS B 13 -7.93 4.07 9.03
C HIS B 13 -8.70 3.37 10.14
N ALA B 14 -8.58 3.87 11.36
CA ALA B 14 -9.18 3.22 12.54
C ALA B 14 -10.43 4.01 12.97
N PHE B 15 -11.47 3.29 13.31
CA PHE B 15 -12.74 3.84 13.75
C PHE B 15 -13.07 3.11 15.04
N GLY B 16 -13.54 3.82 16.04
CA GLY B 16 -13.92 3.13 17.28
C GLY B 16 -13.95 4.05 18.48
N ASP B 17 -13.66 3.47 19.64
CA ASP B 17 -13.94 4.07 20.97
C ASP B 17 -12.64 4.20 21.79
N SER B 18 -12.73 4.21 23.11
CA SER B 18 -11.59 4.42 24.01
C SER B 18 -10.58 3.28 23.91
N TYR B 19 -10.98 2.12 23.36
CA TYR B 19 -10.04 0.99 23.21
C TYR B 19 -9.07 1.26 22.04
N SER B 20 -9.30 2.29 21.22
CA SER B 20 -8.47 2.62 20.03
C SER B 20 -7.93 4.06 20.05
N ASP B 21 -8.68 5.00 20.63
CA ASP B 21 -8.38 6.46 20.59
C ASP B 21 -6.91 6.75 20.95
N ASN B 22 -6.18 7.51 20.10
CA ASN B 22 -4.75 7.79 20.36
C ASN B 22 -4.56 9.30 20.45
N GLY B 23 -5.65 10.01 20.79
CA GLY B 23 -5.56 11.46 21.09
C GLY B 23 -6.77 12.26 20.70
N GLU B 24 -7.73 11.71 19.95
CA GLU B 24 -8.87 12.50 19.43
C GLU B 24 -9.73 13.03 20.58
N SER B 25 -10.06 12.23 21.59
CA SER B 25 -11.00 12.74 22.62
C SER B 25 -10.32 13.90 23.34
N GLN B 26 -9.01 13.83 23.49
CA GLN B 26 -8.25 14.91 24.17
C GLN B 26 -8.25 16.16 23.29
N ARG B 27 -7.97 16.01 22.00
CA ARG B 27 -7.97 17.18 21.07
C ARG B 27 -9.36 17.83 21.06
N LEU B 28 -10.41 17.04 20.90
CA LEU B 28 -11.80 17.54 20.79
C LEU B 28 -12.21 18.19 22.11
N THR B 29 -11.95 17.57 23.25
CA THR B 29 -12.46 18.14 24.55
C THR B 29 -11.64 19.41 24.85
N ARG B 30 -10.37 19.47 24.49
CA ARG B 30 -9.59 20.73 24.61
C ARG B 30 -10.27 21.82 23.78
N GLU B 31 -10.71 21.50 22.57
CA GLU B 31 -11.43 22.49 21.70
C GLU B 31 -12.74 22.92 22.35
N MET B 32 -13.49 21.96 22.87
CA MET B 32 -14.83 22.23 23.44
C MET B 32 -14.70 23.10 24.70
N LEU B 33 -13.67 22.87 25.52
CA LEU B 33 -13.39 23.68 26.73
C LEU B 33 -12.99 25.11 26.31
N ALA B 34 -12.10 25.24 25.34
CA ALA B 34 -11.68 26.52 24.73
C ALA B 34 -12.91 27.34 24.32
N LYS B 35 -13.98 26.68 23.82
CA LYS B 35 -15.17 27.36 23.25
C LYS B 35 -16.33 27.42 24.25
N GLY B 36 -16.13 26.93 25.48
CA GLY B 36 -17.14 26.90 26.55
C GLY B 36 -18.38 26.12 26.17
N ILE B 37 -18.25 25.02 25.42
CA ILE B 37 -19.42 24.18 25.06
C ILE B 37 -20.05 23.64 26.35
N ALA B 38 -21.38 23.67 26.43
CA ALA B 38 -22.18 23.21 27.60
C ALA B 38 -21.86 21.76 27.92
N GLY B 39 -21.39 21.49 29.14
CA GLY B 39 -21.18 20.12 29.64
C GLY B 39 -19.75 19.65 29.43
N ALA B 40 -18.95 20.35 28.61
CA ALA B 40 -17.61 19.88 28.24
C ALA B 40 -16.78 19.57 29.49
N GLN B 41 -15.99 18.49 29.42
CA GLN B 41 -15.01 18.03 30.43
C GLN B 41 -13.73 17.62 29.69
N ALA B 42 -12.59 17.65 30.37
CA ALA B 42 -11.29 17.19 29.82
C ALA B 42 -11.31 15.65 29.79
N LEU B 43 -11.16 15.04 28.63
CA LEU B 43 -11.06 13.57 28.53
C LEU B 43 -9.74 13.26 27.83
N PRO B 44 -9.06 12.16 28.18
CA PRO B 44 -9.55 11.21 29.17
C PRO B 44 -9.35 11.60 30.64
N GLY B 45 -8.45 12.54 30.91
CA GLY B 45 -8.12 12.97 32.29
C GLY B 45 -6.65 12.86 32.60
N GLU B 46 -6.29 13.13 33.87
CA GLU B 46 -4.91 13.39 34.33
C GLU B 46 -4.10 12.09 34.41
N VAL B 47 -4.74 10.97 34.77
CA VAL B 47 -3.99 9.72 35.11
C VAL B 47 -3.92 8.82 33.86
N TYR B 48 -3.65 9.42 32.71
CA TYR B 48 -3.63 8.70 31.40
C TYR B 48 -2.39 9.13 30.64
N TRP B 49 -1.94 8.26 29.73
CA TRP B 49 -0.70 8.50 28.96
C TRP B 49 -1.03 9.17 27.62
N GLN B 50 -0.63 10.44 27.47
CA GLN B 50 -0.64 11.21 26.19
C GLN B 50 -2.00 11.12 25.48
N GLY B 51 -3.12 11.23 26.23
CA GLY B 51 -4.46 11.30 25.67
C GLY B 51 -5.04 9.93 25.36
N ARG B 52 -4.31 8.85 25.57
CA ARG B 52 -4.85 7.47 25.43
C ARG B 52 -5.62 7.14 26.72
N TRP B 53 -6.68 6.35 26.59
CA TRP B 53 -7.46 5.91 27.78
C TRP B 53 -6.77 4.65 28.34
N SER B 54 -5.52 4.80 28.68
CA SER B 54 -4.61 3.74 29.17
C SER B 54 -3.30 4.38 29.63
N ASN B 55 -2.32 3.55 29.94
CA ASN B 55 -0.97 4.02 30.36
C ASN B 55 0.00 3.84 29.19
N GLY B 56 -0.52 3.62 27.97
CA GLY B 56 0.35 3.44 26.81
C GLY B 56 -0.46 3.32 25.54
N PRO B 57 0.22 2.99 24.42
CA PRO B 57 -0.45 2.88 23.13
C PRO B 57 -1.61 1.86 23.14
N THR B 58 -2.63 2.16 22.39
CA THR B 58 -3.76 1.22 22.17
C THR B 58 -3.42 0.11 21.17
N ALA B 59 -4.24 -0.92 21.13
CA ALA B 59 -4.02 -2.13 20.32
C ALA B 59 -3.79 -1.72 18.87
N VAL B 60 -4.64 -0.87 18.31
CA VAL B 60 -4.47 -0.51 16.89
C VAL B 60 -3.14 0.19 16.65
N GLU B 61 -2.60 0.96 17.58
CA GLU B 61 -1.27 1.60 17.45
C GLU B 61 -0.21 0.51 17.33
N VAL B 62 -0.32 -0.52 18.16
CA VAL B 62 0.61 -1.67 18.14
C VAL B 62 0.43 -2.43 16.83
N LEU B 63 -0.78 -2.65 16.39
CA LEU B 63 -1.05 -3.35 15.13
C LEU B 63 -0.31 -2.59 14.01
N ALA B 64 -0.48 -1.28 13.96
CA ALA B 64 0.16 -0.44 12.90
C ALA B 64 1.67 -0.58 12.97
N ARG B 65 2.25 -0.53 14.14
CA ARG B 65 3.72 -0.70 14.33
C ARG B 65 4.14 -2.09 13.86
N GLN B 66 3.43 -3.15 14.23
CA GLN B 66 3.80 -4.53 13.86
C GLN B 66 3.78 -4.69 12.35
N LEU B 67 2.79 -4.12 11.67
CA LEU B 67 2.54 -4.37 10.23
C LEU B 67 3.36 -3.41 9.36
N GLY B 68 4.02 -2.43 9.95
CA GLY B 68 4.73 -1.38 9.18
C GLY B 68 3.77 -0.45 8.44
N ALA B 69 2.65 -0.10 9.07
CA ALA B 69 1.60 0.75 8.49
C ALA B 69 1.57 2.10 9.17
N GLN B 70 1.23 3.13 8.42
CA GLN B 70 0.84 4.44 8.96
C GLN B 70 -0.59 4.29 9.52
N LEU B 71 -0.90 5.08 10.55
CA LEU B 71 -2.22 5.01 11.23
C LEU B 71 -2.88 6.38 11.22
N ALA B 72 -4.09 6.44 10.70
CA ALA B 72 -5.00 7.59 10.86
C ALA B 72 -6.07 7.10 11.83
N ASP B 73 -6.02 7.55 13.06
CA ASP B 73 -6.87 6.98 14.14
C ASP B 73 -8.01 7.96 14.42
N HIS B 74 -9.19 7.67 13.92
CA HIS B 74 -10.42 8.48 14.00
C HIS B 74 -11.21 8.16 15.26
N ALA B 75 -10.81 7.13 15.99
CA ALA B 75 -11.56 6.69 17.18
C ALA B 75 -11.64 7.79 18.25
N VAL B 76 -12.80 7.83 18.94
CA VAL B 76 -13.04 8.83 20.02
C VAL B 76 -13.50 8.07 21.28
N GLY B 77 -12.77 8.20 22.39
CA GLY B 77 -13.27 7.67 23.67
C GLY B 77 -14.77 7.99 23.84
N GLY B 78 -15.55 7.03 24.28
CA GLY B 78 -17.02 7.16 24.46
C GLY B 78 -17.82 6.86 23.21
N ALA B 79 -17.20 6.71 22.02
CA ALA B 79 -17.95 6.47 20.78
C ALA B 79 -18.89 5.25 20.85
N LYS B 80 -20.16 5.47 20.53
CA LYS B 80 -21.13 4.38 20.33
C LYS B 80 -21.07 3.94 18.89
N SER B 81 -21.78 2.87 18.60
CA SER B 81 -21.82 2.25 17.25
C SER B 81 -22.63 3.10 16.26
N GLY B 82 -23.51 3.97 16.74
CA GLY B 82 -24.28 4.87 15.85
C GLY B 82 -23.60 6.22 15.75
N ALA B 83 -24.39 7.31 15.78
CA ALA B 83 -23.89 8.67 15.50
C ALA B 83 -23.14 9.29 16.66
N ASP B 84 -23.49 8.94 17.89
CA ASP B 84 -23.11 9.81 19.04
C ASP B 84 -22.28 9.08 20.07
N ASN B 85 -22.07 9.73 21.21
CA ASN B 85 -21.07 9.38 22.23
C ASN B 85 -21.77 9.08 23.55
N TYR B 86 -21.16 8.22 24.37
CA TYR B 86 -21.55 8.04 25.80
C TYR B 86 -21.72 9.43 26.46
N TYR B 87 -20.84 10.36 26.13
CA TYR B 87 -20.89 11.78 26.59
C TYR B 87 -21.89 12.51 25.69
N GLY B 88 -23.15 12.59 26.13
CA GLY B 88 -24.25 13.20 25.34
C GLY B 88 -23.98 14.66 24.98
N TRP B 89 -23.27 15.35 25.84
CA TRP B 89 -22.90 16.79 25.67
C TRP B 89 -22.05 17.01 24.43
N MET B 90 -21.38 15.98 23.89
CA MET B 90 -20.57 16.17 22.66
C MET B 90 -21.47 16.39 21.43
N SER B 91 -22.66 15.79 21.38
CA SER B 91 -23.61 15.73 20.23
C SER B 91 -23.86 17.15 19.67
N ALA B 92 -23.75 18.17 20.50
CA ALA B 92 -24.03 19.58 20.12
C ALA B 92 -22.90 20.12 19.25
N TYR B 93 -21.67 19.63 19.45
CA TYR B 93 -20.43 20.11 18.79
C TYR B 93 -20.04 19.15 17.65
N ARG B 94 -20.13 17.83 17.85
CA ARG B 94 -19.67 16.81 16.86
CA ARG B 94 -19.68 16.82 16.84
C ARG B 94 -20.36 15.48 17.15
N HIS B 95 -20.78 14.77 16.10
CA HIS B 95 -21.24 13.36 16.13
C HIS B 95 -20.01 12.46 16.08
N THR B 96 -19.59 11.91 17.24
CA THR B 96 -18.31 11.17 17.37
C THR B 96 -18.53 9.67 17.52
N GLY B 97 -19.72 9.15 17.31
CA GLY B 97 -19.97 7.71 17.25
C GLY B 97 -19.35 7.17 15.97
N LEU B 98 -19.36 5.85 15.80
CA LEU B 98 -18.80 5.19 14.59
C LEU B 98 -19.42 5.85 13.34
N ALA B 99 -20.76 6.03 13.30
CA ALA B 99 -21.44 6.59 12.10
C ALA B 99 -20.91 8.00 11.82
N GLY B 100 -20.69 8.79 12.86
CA GLY B 100 -20.12 10.15 12.78
C GLY B 100 -18.69 10.15 12.28
N GLN B 101 -17.89 9.20 12.76
CA GLN B 101 -16.48 9.08 12.31
C GLN B 101 -16.43 8.72 10.81
N VAL B 102 -17.29 7.83 10.37
CA VAL B 102 -17.36 7.41 8.93
C VAL B 102 -17.79 8.65 8.12
N ASP B 103 -18.81 9.37 8.60
CA ASP B 103 -19.28 10.59 7.87
C ASP B 103 -18.11 11.58 7.72
N ALA B 104 -17.35 11.84 8.78
CA ALA B 104 -16.29 12.86 8.82
C ALA B 104 -15.14 12.41 7.90
N TYR B 105 -14.80 11.12 7.90
CA TYR B 105 -13.73 10.56 7.06
C TYR B 105 -14.10 10.78 5.58
N LEU B 106 -15.31 10.41 5.21
CA LEU B 106 -15.81 10.51 3.80
C LEU B 106 -15.88 11.98 3.41
N ALA B 107 -16.27 12.86 4.34
CA ALA B 107 -16.34 14.32 4.09
C ALA B 107 -14.94 14.90 3.84
N THR B 108 -13.94 14.46 4.59
CA THR B 108 -12.55 14.93 4.46
C THR B 108 -11.98 14.50 3.09
N LEU B 109 -12.45 13.39 2.52
CA LEU B 109 -12.01 12.96 1.17
C LEU B 109 -12.51 13.95 0.12
N ASP B 110 -13.69 14.54 0.29
CA ASP B 110 -14.21 15.61 -0.60
C ASP B 110 -14.24 15.07 -2.05
N GLY B 111 -14.87 13.90 -2.27
CA GLY B 111 -15.06 13.30 -3.61
C GLY B 111 -13.85 12.49 -4.10
N LYS B 112 -12.66 12.66 -3.51
CA LYS B 112 -11.41 11.95 -3.87
C LYS B 112 -11.51 10.50 -3.41
N PRO B 113 -10.85 9.55 -4.12
CA PRO B 113 -11.13 8.14 -3.88
C PRO B 113 -10.66 7.71 -2.48
N VAL B 114 -11.40 6.78 -1.91
CA VAL B 114 -10.90 5.96 -0.77
C VAL B 114 -9.66 5.18 -1.26
N ASP B 115 -8.63 5.08 -0.42
CA ASP B 115 -7.45 4.21 -0.66
C ASP B 115 -7.93 2.77 -0.57
N GLY B 116 -8.06 2.09 -1.70
CA GLY B 116 -8.48 0.68 -1.75
C GLY B 116 -7.46 -0.27 -1.11
N GLN B 117 -6.25 0.20 -0.83
CA GLN B 117 -5.24 -0.64 -0.17
C GLN B 117 -5.29 -0.44 1.33
N ALA B 118 -5.93 0.62 1.84
CA ALA B 118 -5.92 0.89 3.29
C ALA B 118 -6.80 -0.11 4.04
N LEU B 119 -6.35 -0.54 5.22
CA LEU B 119 -7.13 -1.39 6.12
C LEU B 119 -8.06 -0.49 6.96
N HIS B 120 -9.35 -0.71 6.84
CA HIS B 120 -10.39 0.00 7.62
C HIS B 120 -10.68 -0.84 8.89
N PHE B 121 -10.20 -0.34 10.01
CA PHE B 121 -10.21 -1.06 11.31
C PHE B 121 -11.42 -0.53 12.10
N ILE B 122 -12.31 -1.41 12.54
CA ILE B 122 -13.50 -0.97 13.32
C ILE B 122 -13.49 -1.72 14.66
N PHE B 123 -13.60 -0.97 15.74
CA PHE B 123 -13.60 -1.56 17.10
C PHE B 123 -14.52 -0.71 17.99
N VAL B 124 -15.74 -1.17 18.10
CA VAL B 124 -16.78 -0.37 18.82
C VAL B 124 -17.84 -1.31 19.36
N SER B 125 -18.58 -0.84 20.38
CA SER B 125 -19.83 -1.42 20.92
C SER B 125 -19.79 -1.30 22.45
N ALA B 126 -18.62 -1.29 23.10
CA ALA B 126 -18.58 -1.19 24.58
C ALA B 126 -19.41 0.02 25.07
N ALA B 127 -19.31 1.18 24.44
CA ALA B 127 -19.98 2.39 24.96
C ALA B 127 -21.49 2.19 24.83
N ASP B 128 -21.99 1.42 23.85
CA ASP B 128 -23.44 1.15 23.73
C ASP B 128 -23.92 0.53 25.07
N PHE B 129 -23.16 -0.44 25.56
CA PHE B 129 -23.49 -1.19 26.79
C PHE B 129 -23.29 -0.27 27.98
N PHE B 130 -22.17 0.44 28.10
CA PHE B 130 -21.89 1.27 29.30
C PHE B 130 -22.99 2.34 29.39
N GLU B 131 -23.37 2.93 28.28
CA GLU B 131 -24.39 4.02 28.33
C GLU B 131 -25.71 3.41 28.78
N HIS B 132 -26.10 2.27 28.22
CA HIS B 132 -27.38 1.61 28.53
C HIS B 132 -27.43 1.32 30.04
N GLU B 133 -26.32 0.79 30.58
CA GLU B 133 -26.33 0.34 32.00
C GLU B 133 -26.23 1.56 32.91
N ASP B 134 -25.37 2.54 32.59
CA ASP B 134 -25.11 3.69 33.51
C ASP B 134 -26.34 4.60 33.59
N PHE B 135 -27.16 4.68 32.55
CA PHE B 135 -28.27 5.67 32.42
C PHE B 135 -29.60 4.94 32.23
N ALA B 136 -29.68 3.68 32.66
CA ALA B 136 -30.95 2.90 32.67
C ALA B 136 -31.67 2.99 31.32
N GLY B 137 -31.05 2.51 30.26
CA GLY B 137 -31.72 2.30 28.97
C GLY B 137 -32.77 1.24 29.18
N GLU B 138 -33.82 1.25 28.35
CA GLU B 138 -35.04 0.43 28.60
C GLU B 138 -35.20 -0.63 27.50
N GLN B 139 -34.59 -0.43 26.32
CA GLN B 139 -34.31 -1.48 25.31
C GLN B 139 -33.87 -2.74 26.06
N PRO B 140 -34.48 -3.92 25.83
CA PRO B 140 -33.89 -5.20 26.24
C PRO B 140 -32.45 -5.31 25.68
N LEU B 141 -31.55 -5.96 26.40
CA LEU B 141 -30.15 -6.08 25.95
C LEU B 141 -30.06 -6.77 24.59
N GLU B 142 -30.95 -7.72 24.29
CA GLU B 142 -31.02 -8.43 22.99
C GLU B 142 -31.28 -7.40 21.88
N GLN B 143 -32.15 -6.42 22.10
CA GLN B 143 -32.38 -5.34 21.12
C GLN B 143 -31.19 -4.40 21.01
N LEU B 144 -30.55 -4.02 22.14
CA LEU B 144 -29.34 -3.16 22.15
C LEU B 144 -28.26 -3.87 21.30
N ALA B 145 -28.07 -5.16 21.48
CA ALA B 145 -27.05 -5.93 20.73
C ALA B 145 -27.41 -5.90 19.24
N GLY B 146 -28.68 -6.14 18.95
CA GLY B 146 -29.20 -6.11 17.56
C GLY B 146 -28.86 -4.78 16.93
N SER B 147 -29.04 -3.68 17.65
CA SER B 147 -28.72 -2.32 17.15
CA SER B 147 -28.72 -2.31 17.14
C SER B 147 -27.20 -2.12 16.96
N SER B 148 -26.39 -2.57 17.92
CA SER B 148 -24.92 -2.48 17.77
C SER B 148 -24.50 -3.20 16.48
N VAL B 149 -24.97 -4.42 16.28
CA VAL B 149 -24.62 -5.28 15.12
C VAL B 149 -25.04 -4.54 13.84
N ALA B 150 -26.29 -4.05 13.80
CA ALA B 150 -26.78 -3.35 12.60
C ALA B 150 -25.94 -2.11 12.32
N ASN B 151 -25.55 -1.37 13.34
CA ASN B 151 -24.78 -0.12 13.19
C ASN B 151 -23.40 -0.46 12.62
N ILE B 152 -22.79 -1.54 13.09
CA ILE B 152 -21.42 -1.87 12.63
C ILE B 152 -21.54 -2.37 11.18
N ARG B 153 -22.50 -3.25 10.88
CA ARG B 153 -22.70 -3.72 9.49
C ARG B 153 -22.91 -2.47 8.63
N ALA B 154 -23.72 -1.51 9.05
CA ALA B 154 -24.01 -0.32 8.21
C ALA B 154 -22.74 0.47 7.98
N ALA B 155 -21.84 0.61 8.96
CA ALA B 155 -20.57 1.32 8.79
C ALA B 155 -19.72 0.61 7.71
N VAL B 156 -19.60 -0.72 7.77
CA VAL B 156 -18.80 -1.47 6.78
C VAL B 156 -19.45 -1.26 5.40
N GLN B 157 -20.78 -1.31 5.35
CA GLN B 157 -21.50 -1.16 4.05
C GLN B 157 -21.18 0.22 3.51
N ARG B 158 -21.29 1.26 4.33
CA ARG B 158 -21.07 2.65 3.85
C ARG B 158 -19.61 2.89 3.45
N LEU B 159 -18.63 2.34 4.18
CA LEU B 159 -17.23 2.49 3.78
C LEU B 159 -16.97 1.72 2.48
N GLY B 160 -17.47 0.51 2.36
CA GLY B 160 -17.36 -0.29 1.14
C GLY B 160 -17.97 0.46 -0.04
N GLU B 161 -19.18 1.00 0.15
CA GLU B 161 -19.90 1.81 -0.88
C GLU B 161 -18.95 2.89 -1.43
N ALA B 162 -18.20 3.58 -0.58
CA ALA B 162 -17.32 4.69 -0.93
C ALA B 162 -16.05 4.19 -1.62
N GLY B 163 -15.71 2.90 -1.49
CA GLY B 163 -14.48 2.39 -2.11
C GLY B 163 -13.60 1.56 -1.19
N ALA B 164 -13.90 1.46 0.10
CA ALA B 164 -13.04 0.66 0.99
C ALA B 164 -13.15 -0.80 0.56
N ARG B 165 -12.03 -1.54 0.59
CA ARG B 165 -12.03 -2.96 0.19
C ARG B 165 -11.50 -3.85 1.32
N ARG B 166 -10.74 -3.29 2.23
CA ARG B 166 -10.08 -4.12 3.27
C ARG B 166 -10.57 -3.69 4.66
N PHE B 167 -11.01 -4.67 5.47
CA PHE B 167 -11.52 -4.39 6.82
C PHE B 167 -10.93 -5.34 7.86
N LEU B 168 -10.82 -4.86 9.08
CA LEU B 168 -10.58 -5.70 10.28
CA LEU B 168 -10.59 -5.70 10.27
C LEU B 168 -11.63 -5.22 11.29
N VAL B 169 -12.54 -6.10 11.62
CA VAL B 169 -13.58 -5.74 12.62
C VAL B 169 -13.30 -6.53 13.91
N VAL B 170 -13.26 -5.80 15.02
CA VAL B 170 -12.98 -6.39 16.35
C VAL B 170 -14.32 -6.74 16.97
N SER B 171 -14.40 -7.93 17.55
CA SER B 171 -15.58 -8.39 18.31
C SER B 171 -15.85 -7.47 19.49
N SER B 172 -16.96 -7.71 20.19
CA SER B 172 -17.05 -7.21 21.58
C SER B 172 -15.86 -7.74 22.37
N THR B 173 -15.30 -6.91 23.25
CA THR B 173 -14.40 -7.38 24.33
C THR B 173 -15.23 -8.14 25.38
N ASP B 174 -14.53 -8.76 26.30
CA ASP B 174 -15.19 -9.43 27.44
C ASP B 174 -15.58 -8.38 28.50
N LEU B 175 -16.70 -7.73 28.24
CA LEU B 175 -17.25 -6.74 29.15
C LEU B 175 -17.55 -7.35 30.52
N SER B 176 -17.77 -8.66 30.57
CA SER B 176 -18.18 -9.36 31.83
C SER B 176 -17.05 -9.34 32.89
N VAL B 177 -15.80 -9.08 32.53
CA VAL B 177 -14.69 -9.01 33.50
C VAL B 177 -14.21 -7.58 33.74
N VAL B 178 -14.81 -6.58 33.08
CA VAL B 178 -14.43 -5.17 33.32
C VAL B 178 -14.68 -4.81 34.78
N PRO B 179 -13.74 -4.15 35.48
CA PRO B 179 -13.91 -3.89 36.92
C PRO B 179 -15.20 -3.12 37.23
N ALA B 180 -15.55 -2.12 36.43
CA ALA B 180 -16.80 -1.34 36.63
C ALA B 180 -18.02 -2.23 36.51
N VAL B 181 -18.03 -3.23 35.63
CA VAL B 181 -19.17 -4.15 35.43
C VAL B 181 -19.29 -5.06 36.66
N VAL B 182 -18.17 -5.63 37.10
CA VAL B 182 -18.11 -6.43 38.34
C VAL B 182 -18.66 -5.60 39.51
N ALA B 183 -18.17 -4.38 39.72
CA ALA B 183 -18.57 -3.50 40.84
C ALA B 183 -20.07 -3.13 40.74
N GLY B 184 -20.63 -3.10 39.52
CA GLY B 184 -22.07 -2.82 39.32
C GLY B 184 -22.94 -4.07 39.45
N ASN B 185 -22.35 -5.23 39.72
CA ASN B 185 -23.03 -6.53 39.79
C ASN B 185 -23.75 -6.82 38.46
N ARG B 186 -23.10 -6.53 37.31
CA ARG B 186 -23.71 -6.64 35.98
C ARG B 186 -22.98 -7.66 35.10
N VAL B 187 -22.34 -8.66 35.70
CA VAL B 187 -21.56 -9.65 34.92
C VAL B 187 -22.49 -10.40 33.97
N GLU B 188 -23.68 -10.84 34.42
CA GLU B 188 -24.57 -11.63 33.56
C GLU B 188 -25.09 -10.78 32.41
N ARG B 189 -25.40 -9.53 32.68
CA ARG B 189 -25.92 -8.61 31.65
C ARG B 189 -24.83 -8.42 30.57
N ALA B 190 -23.60 -8.21 30.98
CA ALA B 190 -22.47 -8.05 30.04
C ALA B 190 -22.29 -9.34 29.23
N GLN B 191 -22.31 -10.51 29.89
CA GLN B 191 -22.20 -11.82 29.20
C GLN B 191 -23.28 -11.91 28.12
N ARG B 192 -24.53 -11.55 28.45
CA ARG B 192 -25.67 -11.71 27.51
C ARG B 192 -25.51 -10.77 26.30
N TYR B 193 -25.13 -9.53 26.55
CA TYR B 193 -24.91 -8.53 25.50
C TYR B 193 -23.77 -9.01 24.58
N LEU B 194 -22.62 -9.33 25.15
CA LEU B 194 -21.41 -9.59 24.30
C LEU B 194 -21.61 -10.86 23.50
N GLN B 195 -22.29 -11.87 24.05
CA GLN B 195 -22.58 -13.14 23.32
CA GLN B 195 -22.56 -13.12 23.30
C GLN B 195 -23.50 -12.79 22.14
N ALA B 196 -24.49 -11.93 22.35
CA ALA B 196 -25.47 -11.61 21.30
C ALA B 196 -24.73 -10.87 20.16
N VAL B 197 -23.89 -9.91 20.49
CA VAL B 197 -23.09 -9.19 19.45
C VAL B 197 -22.22 -10.21 18.74
N ASN B 198 -21.49 -11.03 19.47
CA ASN B 198 -20.39 -11.84 18.90
C ASN B 198 -20.96 -13.03 18.15
N ALA B 199 -22.21 -13.42 18.41
CA ALA B 199 -22.84 -14.52 17.64
C ALA B 199 -23.33 -13.99 16.28
N SER B 200 -23.92 -12.81 16.25
CA SER B 200 -24.63 -12.29 15.06
C SER B 200 -23.67 -11.57 14.13
N LEU B 201 -22.78 -10.74 14.69
CA LEU B 201 -22.01 -9.78 13.83
C LEU B 201 -21.16 -10.50 12.81
N PRO B 202 -20.40 -11.59 13.14
CA PRO B 202 -19.56 -12.19 12.12
C PRO B 202 -20.37 -12.85 10.99
N ILE B 203 -21.57 -13.34 11.28
CA ILE B 203 -22.49 -13.92 10.26
C ILE B 203 -22.89 -12.82 9.27
N GLN B 204 -23.29 -11.64 9.77
CA GLN B 204 -23.66 -10.51 8.89
C GLN B 204 -22.44 -9.99 8.10
N LEU B 205 -21.28 -9.90 8.72
CA LEU B 205 -20.08 -9.45 8.00
C LEU B 205 -19.65 -10.45 6.93
N ALA B 206 -19.76 -11.75 7.17
CA ALA B 206 -19.37 -12.76 6.17
C ALA B 206 -20.24 -12.59 4.92
N ALA B 207 -21.51 -12.29 5.11
CA ALA B 207 -22.44 -12.12 3.97
C ALA B 207 -22.07 -10.85 3.20
N LEU B 208 -21.75 -9.76 3.89
CA LEU B 208 -21.35 -8.46 3.29
C LEU B 208 -20.04 -8.68 2.53
N ARG B 209 -19.08 -9.39 3.16
CA ARG B 209 -17.75 -9.68 2.57
C ARG B 209 -17.95 -10.30 1.19
N LYS B 210 -18.82 -11.29 1.13
CA LYS B 210 -19.05 -12.11 -0.08
C LYS B 210 -19.75 -11.24 -1.13
N THR B 211 -20.77 -10.53 -0.74
CA THR B 211 -21.57 -9.69 -1.65
C THR B 211 -20.68 -8.65 -2.30
N ARG B 212 -19.81 -7.96 -1.56
CA ARG B 212 -19.07 -6.77 -2.06
C ARG B 212 -17.62 -7.13 -2.42
N GLY B 213 -17.24 -8.40 -2.37
CA GLY B 213 -15.85 -8.85 -2.63
C GLY B 213 -14.88 -8.08 -1.76
N LEU B 214 -15.15 -8.04 -0.44
CA LEU B 214 -14.23 -7.38 0.51
C LEU B 214 -13.24 -8.40 1.06
N GLU B 215 -12.11 -7.91 1.51
CA GLU B 215 -11.22 -8.68 2.43
C GLU B 215 -11.67 -8.29 3.82
N LEU B 216 -12.34 -9.15 4.58
CA LEU B 216 -12.77 -8.69 5.91
C LEU B 216 -12.36 -9.72 6.95
N SER B 217 -11.50 -9.29 7.86
CA SER B 217 -11.02 -10.16 8.95
CA SER B 217 -10.92 -10.08 8.99
C SER B 217 -11.76 -9.84 10.24
N TRP B 218 -12.12 -10.88 10.95
CA TRP B 218 -12.85 -10.79 12.24
C TRP B 218 -11.85 -11.11 13.34
N PHE B 219 -11.65 -10.22 14.31
CA PHE B 219 -10.76 -10.46 15.46
C PHE B 219 -11.60 -10.76 16.70
N ASP B 220 -11.49 -11.99 17.20
CA ASP B 220 -12.31 -12.45 18.37
C ASP B 220 -11.54 -12.04 19.62
N HIS B 221 -11.85 -10.90 20.18
CA HIS B 221 -11.14 -10.30 21.33
C HIS B 221 -11.49 -11.16 22.57
N LEU B 222 -12.68 -11.77 22.58
CA LEU B 222 -13.16 -12.61 23.73
C LEU B 222 -12.28 -13.88 23.83
N THR B 223 -12.01 -14.55 22.71
CA THR B 223 -11.09 -15.70 22.66
C THR B 223 -9.70 -15.25 23.13
N PHE B 224 -9.21 -14.15 22.58
CA PHE B 224 -7.93 -13.57 22.96
C PHE B 224 -7.85 -13.37 24.47
N SER B 225 -8.87 -12.76 25.08
CA SER B 225 -8.74 -12.38 26.52
C SER B 225 -8.87 -13.65 27.35
N ARG B 226 -9.73 -14.58 26.94
CA ARG B 226 -9.95 -15.80 27.74
C ARG B 226 -8.63 -16.55 27.80
N HIS B 227 -7.94 -16.64 26.66
CA HIS B 227 -6.62 -17.33 26.64
C HIS B 227 -5.62 -16.60 27.56
N LEU B 228 -5.47 -15.27 27.53
CA LEU B 228 -4.57 -14.48 28.41
CA LEU B 228 -4.56 -14.49 28.41
C LEU B 228 -4.92 -14.76 29.88
N ARG B 229 -6.20 -14.70 30.19
CA ARG B 229 -6.66 -14.71 31.61
C ARG B 229 -6.58 -16.12 32.19
N ARG B 230 -6.62 -17.16 31.36
CA ARG B 230 -6.50 -18.56 31.81
C ARG B 230 -5.03 -18.86 32.13
N ASN B 231 -4.08 -18.24 31.45
CA ASN B 231 -2.62 -18.52 31.54
C ASN B 231 -1.83 -17.24 31.77
N PRO B 232 -2.12 -16.44 32.82
CA PRO B 232 -1.54 -15.12 32.93
C PRO B 232 -0.02 -15.12 33.06
N ALA B 233 0.53 -16.09 33.80
CA ALA B 233 1.97 -16.08 34.13
C ALA B 233 2.79 -16.21 32.83
N ARG B 234 2.29 -16.97 31.87
CA ARG B 234 2.89 -17.08 30.50
C ARG B 234 3.20 -15.69 29.95
N TYR B 235 2.36 -14.69 30.25
CA TYR B 235 2.40 -13.34 29.62
C TYR B 235 2.96 -12.33 30.59
N GLY B 236 3.34 -12.76 31.79
CA GLY B 236 3.89 -11.87 32.81
C GLY B 236 2.82 -11.11 33.56
N LEU B 237 1.57 -11.55 33.47
CA LEU B 237 0.48 -10.87 34.20
C LEU B 237 0.31 -11.55 35.56
N VAL B 238 -0.05 -10.74 36.53
CA VAL B 238 -0.25 -11.17 37.95
C VAL B 238 -1.67 -10.78 38.41
N GLU B 239 -2.10 -9.54 38.20
CA GLU B 239 -3.38 -9.00 38.72
C GLU B 239 -4.37 -8.79 37.56
N LEU B 240 -5.41 -9.61 37.56
CA LEU B 240 -6.40 -9.63 36.46
C LEU B 240 -7.62 -8.76 36.76
N ASP B 241 -7.84 -8.34 37.99
CA ASP B 241 -9.16 -7.77 38.38
C ASP B 241 -9.04 -6.37 38.93
N ALA B 242 -8.02 -6.07 39.73
CA ALA B 242 -7.88 -4.74 40.32
C ALA B 242 -7.32 -3.79 39.26
N PRO B 243 -7.90 -2.59 39.17
CA PRO B 243 -7.30 -1.54 38.35
C PRO B 243 -5.94 -1.13 38.94
N CYS B 244 -4.93 -1.00 38.07
CA CYS B 244 -3.63 -0.44 38.47
C CYS B 244 -3.82 1.01 38.92
N GLN B 245 -4.67 1.75 38.25
CA GLN B 245 -4.94 3.18 38.53
C GLN B 245 -6.42 3.32 38.91
N PRO B 246 -6.81 3.12 40.19
CA PRO B 246 -8.21 3.35 40.59
C PRO B 246 -8.63 4.80 40.36
N THR B 247 -9.89 5.02 39.97
CA THR B 247 -10.47 6.38 39.76
C THR B 247 -11.84 6.52 40.43
N GLN B 248 -12.48 5.42 40.85
CA GLN B 248 -13.82 5.43 41.49
C GLN B 248 -13.69 4.84 42.90
N PRO B 249 -14.30 5.46 43.96
CA PRO B 249 -14.98 6.74 43.85
C PRO B 249 -14.04 7.93 43.60
N SER B 250 -12.74 7.77 43.91
CA SER B 250 -11.73 8.82 43.67
C SER B 250 -10.42 8.20 43.18
N VAL B 251 -9.53 9.05 42.65
CA VAL B 251 -8.19 8.69 42.13
C VAL B 251 -7.28 8.38 43.33
N ARG B 252 -6.65 7.21 43.30
CA ARG B 252 -5.64 6.72 44.29
C ARG B 252 -4.30 6.56 43.57
N PRO B 253 -3.18 6.37 44.33
CA PRO B 253 -1.87 6.05 43.76
C PRO B 253 -1.87 4.82 42.83
N ALA B 254 -1.18 4.91 41.69
CA ALA B 254 -1.02 3.80 40.73
C ALA B 254 -0.13 2.69 41.32
N CYS B 255 -0.46 1.43 41.02
CA CYS B 255 0.33 0.21 41.33
C CYS B 255 1.76 0.34 40.80
N ALA B 256 2.70 -0.35 41.44
CA ALA B 256 4.16 -0.22 41.19
C ALA B 256 4.53 -0.83 39.82
N ASN B 257 3.85 -1.90 39.43
CA ASN B 257 4.27 -2.77 38.29
C ASN B 257 3.11 -2.92 37.29
N PRO B 258 2.73 -1.85 36.55
CA PRO B 258 1.58 -1.87 35.64
C PRO B 258 1.63 -2.93 34.53
N ASP B 259 2.81 -3.38 34.12
CA ASP B 259 2.93 -4.43 33.07
C ASP B 259 2.52 -5.78 33.63
N GLN B 260 2.30 -5.88 34.95
CA GLN B 260 1.73 -7.10 35.54
C GLN B 260 0.21 -6.96 35.76
N TYR B 261 -0.42 -5.86 35.34
CA TYR B 261 -1.88 -5.64 35.54
C TYR B 261 -2.60 -5.77 34.19
N TYR B 262 -3.75 -6.42 34.20
CA TYR B 262 -4.69 -6.45 33.05
C TYR B 262 -5.36 -5.08 32.86
N PHE B 263 -5.89 -4.47 33.93
CA PHE B 263 -6.69 -3.22 33.86
C PHE B 263 -5.91 -2.03 34.36
N TRP B 264 -6.03 -0.96 33.60
CA TRP B 264 -5.46 0.34 33.96
C TRP B 264 -6.42 1.04 34.91
N ASP B 265 -7.63 1.35 34.44
CA ASP B 265 -8.69 1.94 35.28
C ASP B 265 -9.84 0.95 35.32
N GLU B 266 -11.05 1.42 35.69
CA GLU B 266 -12.16 0.49 35.89
C GLU B 266 -12.76 0.01 34.56
N TRP B 267 -12.31 0.52 33.40
CA TRP B 267 -12.94 0.16 32.10
C TRP B 267 -11.90 -0.28 31.08
N HIS B 268 -10.63 0.05 31.26
CA HIS B 268 -9.68 0.02 30.13
C HIS B 268 -8.49 -0.83 30.49
N PRO B 269 -7.99 -1.64 29.52
CA PRO B 269 -6.82 -2.48 29.74
C PRO B 269 -5.56 -1.60 29.80
N THR B 270 -4.50 -2.17 30.37
CA THR B 270 -3.16 -1.55 30.37
C THR B 270 -2.50 -1.63 29.00
N ARG B 271 -1.41 -0.89 28.88
CA ARG B 271 -0.57 -0.89 27.65
C ARG B 271 -0.08 -2.32 27.39
N ARG B 272 0.15 -3.14 28.42
CA ARG B 272 0.62 -4.52 28.22
C ARG B 272 -0.45 -5.35 27.52
N VAL B 273 -1.72 -5.25 27.95
CA VAL B 273 -2.78 -6.01 27.26
C VAL B 273 -2.98 -5.43 25.83
N HIS B 274 -2.95 -4.12 25.69
CA HIS B 274 -3.08 -3.47 24.35
C HIS B 274 -1.95 -4.03 23.45
N GLN B 275 -0.75 -4.20 23.97
CA GLN B 275 0.39 -4.73 23.18
CA GLN B 275 0.39 -4.73 23.18
C GLN B 275 0.08 -6.16 22.76
N LEU B 276 -0.38 -6.99 23.70
CA LEU B 276 -0.67 -8.39 23.35
C LEU B 276 -1.79 -8.44 22.32
N ALA B 277 -2.80 -7.56 22.45
CA ALA B 277 -3.94 -7.54 21.53
C ALA B 277 -3.51 -7.10 20.12
N GLY B 278 -2.71 -6.05 20.04
CA GLY B 278 -2.18 -5.55 18.75
C GLY B 278 -1.29 -6.60 18.08
N GLU B 279 -0.48 -7.31 18.85
CA GLU B 279 0.30 -8.44 18.28
C GLU B 279 -0.66 -9.53 17.76
N ALA B 280 -1.72 -9.91 18.50
CA ALA B 280 -2.66 -10.96 18.07
C ALA B 280 -3.42 -10.54 16.80
N MET B 281 -3.81 -9.27 16.73
CA MET B 281 -4.52 -8.73 15.55
C MET B 281 -3.59 -8.79 14.34
N ALA B 282 -2.32 -8.50 14.56
CA ALA B 282 -1.32 -8.47 13.47
C ALA B 282 -1.06 -9.88 12.94
N ALA B 283 -1.40 -10.93 13.67
CA ALA B 283 -1.03 -12.32 13.27
C ALA B 283 -1.69 -12.76 11.95
N ARG B 284 -2.78 -12.14 11.48
CA ARG B 284 -3.48 -12.59 10.27
C ARG B 284 -2.77 -12.04 9.01
N TYR B 285 -1.82 -11.12 9.15
CA TYR B 285 -1.26 -10.34 8.03
C TYR B 285 0.25 -10.61 7.87
N ALA B 286 0.71 -10.59 6.64
CA ALA B 286 2.15 -10.53 6.33
C ALA B 286 2.70 -9.15 6.64
N ARG B 287 3.93 -9.08 7.10
CA ARG B 287 4.62 -7.79 7.31
C ARG B 287 5.01 -7.20 5.95
N1 AT3 C . 21.92 3.51 -26.64
C2 AT3 C . 20.85 4.39 -26.13
C3 AT3 C . 20.30 4.08 -24.71
C5 AT3 C . 18.59 1.85 -23.86
O7 AT3 C . 18.91 1.78 -22.69
C6 AT3 C . 17.32 1.34 -24.45
C8 AT3 C . 22.78 3.12 -25.52
C9 AT3 C . 21.45 2.27 -27.24
C10 AT3 C . 22.67 4.19 -27.73
S24 AT3 C . 19.55 2.53 -25.00
C1 GOL D . 23.08 -0.24 -35.69
O1 GOL D . 23.37 0.17 -37.04
C2 GOL D . 21.71 0.23 -35.27
O2 GOL D . 20.88 0.24 -36.43
C3 GOL D . 21.08 -0.61 -34.18
O3 GOL D . 21.76 -0.46 -32.93
CL CL E . 18.87 1.73 -23.10
SD ETM F . 21.42 1.35 -25.26
C1 ETM F . 21.54 2.45 -26.71
C2 ETM F . 22.81 3.27 -26.74
N1 ETM F . 22.97 4.20 -27.93
C3 ETM F . 24.31 4.84 -27.94
C4 ETM F . 21.93 5.26 -27.86
C5 ETM F . 22.82 3.40 -29.16
N1 AT3 G . -16.92 5.30 29.75
C2 AT3 G . -15.54 4.91 29.41
C3 AT3 G . -15.18 5.11 27.92
C5 AT3 G . -15.35 3.34 25.63
O7 AT3 G . -15.24 4.28 24.86
C6 AT3 G . -15.25 1.90 25.25
C8 AT3 G . -17.92 4.61 28.95
C9 AT3 G . -17.23 4.97 31.16
C10 AT3 G . -17.05 6.76 29.56
S24 AT3 G . -15.60 3.56 27.25
C1 GOL H . -20.00 0.32 34.26
O1 GOL H . -19.73 1.71 34.01
C2 GOL H . -21.45 0.02 34.56
O2 GOL H . -21.67 -1.38 34.59
C3 GOL H . -21.94 0.61 35.87
O3 GOL H . -23.36 0.76 35.90
CL CL I . -15.39 3.99 24.99
SD ETM J . -17.88 4.90 27.43
C1 ETM J . -16.73 4.84 28.83
C2 ETM J . -16.81 6.06 29.73
N1 ETM J . -16.69 5.78 31.22
C3 ETM J . -17.42 4.51 31.48
C4 ETM J . -17.31 6.87 32.03
C5 ETM J . -15.26 5.65 31.58
#